data_3L8P
#
_entry.id   3L8P
#
_cell.length_a   85.602
_cell.length_b   85.602
_cell.length_c   107.344
_cell.angle_alpha   90.00
_cell.angle_beta   90.00
_cell.angle_gamma   90.00
#
_symmetry.space_group_name_H-M   'P 42 21 2'
#
loop_
_entity.id
_entity.type
_entity.pdbx_description
1 polymer 'Angiopoietin-1 receptor'
2 non-polymer 2-methyl-11-(1-methylethyl)-8-[(2S)-tetrahydro-2H-pyran-2-yl]-2,11,12,13-tetrahydro-4H-indazolo[5,4-a]pyrrolo[3,4-c]carbazol-4-one
3 water water
#
_entity_poly.entity_id   1
_entity_poly.type   'polypeptide(L)'
_entity_poly.pdbx_seq_one_letter_code
;KNNPDPTIYPVLDWNDIKFQDVIGEGNFGQVLKARIKKDGLRMDAAIKRMKEYASKDDHRDFAGELEVLCKLGHHPNIIN
LLGACEHRGYLYLAIEYAPHGNLLDFLRKSRVLETDPAFAIANSTASTLSSQQLLHFAADVARGMDYLSQKQFIHRDLAA
RNILVGENYVAKIADFGLSRGQEVYVKKTMGRLPVRWMAIESLNYSVYTTNSDVWSYGVLLWEIVSLGGTPYCGMTCAEL
YEKLPQGYRLEKPLNCDDEVYDLMRQCWREKPYERPSFAQILVSLNRMLEERKTYVNTTLYEKFTYAGIDCSAEEAA
;
_entity_poly.pdbx_strand_id   A
#
loop_
_chem_comp.id
_chem_comp.type
_chem_comp.name
_chem_comp.formula
0CE non-polymer 2-methyl-11-(1-methylethyl)-8-[(2S)-tetrahydro-2H-pyran-2-yl]-2,11,12,13-tetrahydro-4H-indazolo[5,4-a]pyrrolo[3,4-c]carbazol-4-one 'C28 H28 N4 O2'
#
# COMPACT_ATOMS: atom_id res chain seq x y z
N THR A 7 15.85 -24.23 -9.14
CA THR A 7 16.45 -23.17 -10.02
C THR A 7 15.37 -22.29 -10.65
N ILE A 8 14.13 -22.45 -10.19
CA ILE A 8 13.01 -21.67 -10.70
C ILE A 8 13.17 -20.19 -10.35
N TYR A 9 14.24 -19.89 -9.63
CA TYR A 9 14.53 -18.52 -9.21
C TYR A 9 16.03 -18.25 -9.22
N PRO A 10 16.44 -16.98 -9.28
CA PRO A 10 17.87 -16.65 -9.28
C PRO A 10 18.48 -17.12 -7.95
N VAL A 11 19.16 -18.26 -7.97
CA VAL A 11 19.76 -18.80 -6.76
C VAL A 11 20.79 -17.84 -6.17
N LEU A 12 20.89 -17.85 -4.85
CA LEU A 12 21.80 -16.98 -4.14
C LEU A 12 22.45 -17.72 -2.97
N ASP A 13 23.75 -17.52 -2.77
CA ASP A 13 24.46 -18.19 -1.69
C ASP A 13 24.37 -17.42 -0.37
N TRP A 14 23.86 -18.08 0.67
CA TRP A 14 23.72 -17.45 1.98
C TRP A 14 25.03 -16.81 2.43
N ASN A 15 26.12 -17.27 1.83
CA ASN A 15 27.44 -16.75 2.15
C ASN A 15 27.67 -15.37 1.53
N ASP A 16 26.87 -15.03 0.52
CA ASP A 16 26.99 -13.74 -0.15
C ASP A 16 25.96 -12.73 0.34
N ILE A 17 25.43 -12.95 1.53
CA ILE A 17 24.45 -12.05 2.10
C ILE A 17 24.99 -11.42 3.39
N LYS A 18 25.14 -10.10 3.37
CA LYS A 18 25.64 -9.37 4.51
C LYS A 18 24.48 -8.69 5.24
N PHE A 19 23.93 -9.36 6.24
CA PHE A 19 22.81 -8.79 6.99
C PHE A 19 23.19 -7.55 7.75
N GLN A 20 22.28 -6.59 7.78
CA GLN A 20 22.49 -5.35 8.50
C GLN A 20 21.45 -5.23 9.60
N ASP A 21 20.54 -4.27 9.48
CA ASP A 21 19.55 -4.08 10.53
C ASP A 21 18.11 -4.46 10.18
N VAL A 22 17.30 -4.57 11.22
CA VAL A 22 15.89 -4.90 11.06
C VAL A 22 15.22 -3.60 10.64
N ILE A 23 14.49 -3.61 9.53
CA ILE A 23 13.86 -2.39 9.07
C ILE A 23 12.34 -2.40 9.13
N GLY A 24 11.77 -3.54 9.50
CA GLY A 24 10.34 -3.66 9.58
C GLY A 24 9.89 -5.08 9.81
N GLU A 25 8.58 -5.28 9.77
CA GLU A 25 8.01 -6.60 10.00
C GLU A 25 6.65 -6.76 9.32
N GLY A 26 6.50 -7.84 8.56
CA GLY A 26 5.23 -8.10 7.89
C GLY A 26 4.45 -9.16 8.62
N ASN A 27 3.31 -9.57 8.04
CA ASN A 27 2.47 -10.60 8.64
C ASN A 27 3.32 -11.81 9.01
N PHE A 28 4.32 -12.10 8.20
CA PHE A 28 5.21 -13.21 8.47
C PHE A 28 6.67 -12.81 8.43
N GLY A 29 7.27 -12.82 9.62
CA GLY A 29 8.68 -12.50 9.76
C GLY A 29 9.11 -11.04 9.67
N GLN A 30 10.35 -10.80 10.10
CA GLN A 30 10.93 -9.48 10.06
C GLN A 30 11.59 -9.24 8.71
N VAL A 31 11.73 -7.98 8.32
CA VAL A 31 12.38 -7.66 7.06
C VAL A 31 13.74 -7.10 7.47
N LEU A 32 14.79 -7.59 6.82
CA LEU A 32 16.12 -7.14 7.16
C LEU A 32 16.80 -6.50 5.97
N LYS A 33 17.48 -5.38 6.22
CA LYS A 33 18.22 -4.71 5.17
C LYS A 33 19.52 -5.50 5.06
N ALA A 34 20.08 -5.58 3.86
CA ALA A 34 21.33 -6.30 3.66
C ALA A 34 22.03 -5.94 2.36
N ARG A 35 23.23 -6.49 2.19
CA ARG A 35 24.00 -6.30 0.98
C ARG A 35 24.25 -7.69 0.42
N ILE A 36 24.01 -7.88 -0.87
CA ILE A 36 24.19 -9.18 -1.49
C ILE A 36 25.02 -9.09 -2.76
N LYS A 37 25.42 -10.24 -3.27
CA LYS A 37 26.20 -10.28 -4.50
C LYS A 37 25.38 -11.01 -5.56
N LYS A 38 24.87 -10.25 -6.52
CA LYS A 38 24.06 -10.80 -7.60
C LYS A 38 24.78 -10.56 -8.91
N ASP A 39 25.02 -11.64 -9.66
CA ASP A 39 25.72 -11.55 -10.94
C ASP A 39 27.10 -10.92 -10.76
N GLY A 40 27.75 -11.25 -9.65
CA GLY A 40 29.07 -10.72 -9.37
C GLY A 40 29.08 -9.30 -8.85
N LEU A 41 27.91 -8.67 -8.78
CA LEU A 41 27.81 -7.30 -8.29
C LEU A 41 27.16 -7.24 -6.92
N ARG A 42 27.66 -6.34 -6.07
CA ARG A 42 27.13 -6.14 -4.73
C ARG A 42 26.01 -5.11 -4.81
N MET A 43 24.87 -5.39 -4.15
CA MET A 43 23.74 -4.47 -4.19
C MET A 43 22.87 -4.50 -2.94
N ASP A 44 22.07 -3.46 -2.78
CA ASP A 44 21.16 -3.32 -1.64
C ASP A 44 19.98 -4.26 -1.80
N ALA A 45 19.37 -4.62 -0.68
CA ALA A 45 18.21 -5.51 -0.73
C ALA A 45 17.61 -5.71 0.66
N ALA A 46 16.35 -6.12 0.67
CA ALA A 46 15.64 -6.41 1.90
C ALA A 46 15.51 -7.93 1.91
N ILE A 47 15.61 -8.53 3.10
CA ILE A 47 15.50 -9.99 3.21
C ILE A 47 14.30 -10.39 4.06
N LYS A 48 13.50 -11.32 3.54
CA LYS A 48 12.32 -11.80 4.23
C LYS A 48 12.29 -13.33 4.18
N ARG A 49 12.18 -13.96 5.35
CA ARG A 49 12.14 -15.43 5.44
C ARG A 49 10.72 -15.89 5.12
N MET A 50 10.54 -16.46 3.93
CA MET A 50 9.23 -16.95 3.50
C MET A 50 8.84 -18.23 4.26
N PHE A 62 2.50 -23.82 -1.00
CA PHE A 62 3.88 -23.35 -0.82
C PHE A 62 4.66 -23.39 -2.15
N ALA A 63 4.88 -24.59 -2.66
CA ALA A 63 5.62 -24.78 -3.91
C ALA A 63 4.98 -24.00 -5.06
N GLY A 64 3.67 -24.16 -5.22
CA GLY A 64 2.96 -23.46 -6.27
C GLY A 64 3.13 -21.95 -6.15
N GLU A 65 2.89 -21.43 -4.95
CA GLU A 65 3.02 -20.00 -4.72
C GLU A 65 4.43 -19.50 -5.04
N LEU A 66 5.44 -20.27 -4.65
CA LEU A 66 6.81 -19.89 -4.91
C LEU A 66 7.04 -19.67 -6.40
N GLU A 67 6.57 -20.62 -7.21
CA GLU A 67 6.69 -20.51 -8.66
C GLU A 67 5.93 -19.27 -9.11
N VAL A 68 4.73 -19.09 -8.56
CA VAL A 68 3.89 -17.94 -8.88
C VAL A 68 4.67 -16.65 -8.71
N LEU A 69 5.43 -16.56 -7.63
CA LEU A 69 6.22 -15.37 -7.34
C LEU A 69 7.39 -15.25 -8.30
N CYS A 70 8.17 -16.33 -8.41
CA CYS A 70 9.34 -16.35 -9.28
C CYS A 70 8.97 -16.09 -10.73
N LYS A 71 7.72 -16.35 -11.10
CA LYS A 71 7.25 -16.16 -12.46
C LYS A 71 6.65 -14.78 -12.69
N LEU A 72 6.05 -14.20 -11.66
CA LEU A 72 5.41 -12.89 -11.74
C LEU A 72 5.91 -12.04 -12.89
N GLY A 73 7.16 -11.56 -12.80
CA GLY A 73 7.69 -10.74 -13.87
C GLY A 73 7.67 -9.26 -13.56
N HIS A 74 8.85 -8.66 -13.53
CA HIS A 74 9.03 -7.25 -13.22
C HIS A 74 7.96 -6.28 -13.69
N HIS A 75 7.68 -5.30 -12.84
CA HIS A 75 6.73 -4.23 -13.13
C HIS A 75 7.21 -3.12 -12.20
N PRO A 76 7.34 -1.89 -12.73
CA PRO A 76 7.80 -0.73 -11.96
C PRO A 76 7.03 -0.40 -10.69
N ASN A 77 5.82 -0.90 -10.55
CA ASN A 77 5.02 -0.60 -9.37
C ASN A 77 4.81 -1.82 -8.46
N ILE A 78 5.61 -2.86 -8.68
CA ILE A 78 5.55 -4.07 -7.85
C ILE A 78 6.97 -4.25 -7.30
N ILE A 79 7.11 -4.44 -5.99
CA ILE A 79 8.44 -4.62 -5.43
C ILE A 79 8.99 -5.89 -6.09
N ASN A 80 10.22 -5.81 -6.60
CA ASN A 80 10.82 -6.91 -7.34
C ASN A 80 11.70 -7.92 -6.57
N LEU A 81 11.54 -9.20 -6.93
CA LEU A 81 12.29 -10.29 -6.32
C LEU A 81 13.68 -10.39 -6.97
N LEU A 82 14.73 -10.27 -6.18
CA LEU A 82 16.10 -10.33 -6.72
C LEU A 82 16.63 -11.76 -6.78
N GLY A 83 16.32 -12.54 -5.74
CA GLY A 83 16.78 -13.91 -5.69
C GLY A 83 16.36 -14.54 -4.38
N ALA A 84 16.46 -15.86 -4.29
CA ALA A 84 16.10 -16.57 -3.07
C ALA A 84 17.27 -17.42 -2.62
N CYS A 85 17.25 -17.82 -1.35
CA CYS A 85 18.32 -18.64 -0.79
C CYS A 85 17.81 -19.61 0.28
N GLU A 86 18.22 -20.88 0.18
CA GLU A 86 17.83 -21.88 1.16
C GLU A 86 18.88 -21.89 2.26
N HIS A 87 18.43 -22.01 3.50
CA HIS A 87 19.35 -22.01 4.64
C HIS A 87 18.67 -22.57 5.88
N ARG A 88 19.28 -23.59 6.49
CA ARG A 88 18.75 -24.22 7.68
C ARG A 88 17.30 -24.67 7.49
N GLY A 89 16.96 -25.10 6.27
CA GLY A 89 15.62 -25.54 5.99
C GLY A 89 14.61 -24.42 5.79
N TYR A 90 15.09 -23.18 5.79
CA TYR A 90 14.21 -22.03 5.59
C TYR A 90 14.58 -21.36 4.28
N LEU A 91 13.59 -20.75 3.63
CA LEU A 91 13.85 -20.07 2.36
C LEU A 91 13.85 -18.55 2.57
N TYR A 92 14.97 -17.92 2.22
CA TYR A 92 15.11 -16.49 2.37
C TYR A 92 15.01 -15.76 1.03
N LEU A 93 14.09 -14.81 0.95
CA LEU A 93 13.89 -14.03 -0.26
C LEU A 93 14.67 -12.71 -0.22
N ALA A 94 15.37 -12.42 -1.30
CA ALA A 94 16.13 -11.18 -1.44
C ALA A 94 15.25 -10.29 -2.30
N ILE A 95 14.80 -9.19 -1.72
CA ILE A 95 13.90 -8.26 -2.38
C ILE A 95 14.51 -6.91 -2.75
N GLU A 96 14.05 -6.37 -3.86
CA GLU A 96 14.49 -5.06 -4.34
C GLU A 96 14.34 -4.13 -3.13
N TYR A 97 15.30 -3.24 -2.95
CA TYR A 97 15.27 -2.35 -1.80
C TYR A 97 14.54 -1.02 -2.03
N ALA A 98 13.67 -0.65 -1.09
CA ALA A 98 12.92 0.60 -1.15
C ALA A 98 13.48 1.49 -0.04
N PRO A 99 14.46 2.33 -0.39
CA PRO A 99 15.12 3.24 0.56
C PRO A 99 14.22 4.14 1.40
N HIS A 100 13.08 4.55 0.84
CA HIS A 100 12.22 5.45 1.58
C HIS A 100 11.25 4.81 2.58
N GLY A 101 11.14 3.48 2.57
CA GLY A 101 10.26 2.82 3.51
C GLY A 101 8.80 2.67 3.12
N ASN A 102 7.96 2.23 4.06
CA ASN A 102 6.54 2.04 3.75
C ASN A 102 5.83 3.37 3.61
N LEU A 103 4.85 3.41 2.72
CA LEU A 103 4.09 4.62 2.43
C LEU A 103 3.44 5.24 3.65
N LEU A 104 2.94 4.43 4.55
CA LEU A 104 2.30 4.96 5.75
C LEU A 104 3.21 5.90 6.55
N ASP A 105 4.41 5.43 6.89
CA ASP A 105 5.33 6.29 7.65
C ASP A 105 5.85 7.43 6.78
N PHE A 106 5.95 7.21 5.48
CA PHE A 106 6.40 8.27 4.62
C PHE A 106 5.35 9.40 4.66
N LEU A 107 4.08 9.03 4.68
CA LEU A 107 3.03 10.04 4.75
C LEU A 107 3.08 10.77 6.10
N ARG A 108 3.21 10.00 7.18
CA ARG A 108 3.25 10.61 8.50
C ARG A 108 4.48 11.46 8.75
N LYS A 109 5.60 11.10 8.12
CA LYS A 109 6.82 11.87 8.28
C LYS A 109 6.73 13.22 7.57
N SER A 110 5.75 13.37 6.67
CA SER A 110 5.58 14.61 5.93
C SER A 110 4.72 15.65 6.67
N ARG A 111 4.14 15.24 7.80
CA ARG A 111 3.29 16.15 8.59
C ARG A 111 4.19 17.15 9.29
N VAL A 112 4.85 17.98 8.49
CA VAL A 112 5.78 18.98 8.96
C VAL A 112 5.23 19.87 10.07
N LEU A 113 3.91 20.07 10.10
CA LEU A 113 3.31 20.89 11.14
C LEU A 113 3.58 20.25 12.50
N GLU A 114 3.88 18.96 12.47
CA GLU A 114 4.15 18.20 13.67
C GLU A 114 5.65 17.89 13.81
N THR A 115 6.29 17.55 12.69
CA THR A 115 7.71 17.22 12.70
C THR A 115 8.64 18.42 12.66
N ASP A 116 8.15 19.54 12.15
CA ASP A 116 8.98 20.74 12.05
C ASP A 116 8.07 21.96 11.89
N PRO A 117 7.34 22.30 12.96
CA PRO A 117 6.42 23.44 12.95
C PRO A 117 7.01 24.75 12.42
N ALA A 118 8.28 25.00 12.68
CA ALA A 118 8.93 26.23 12.20
C ALA A 118 8.86 26.25 10.67
N PHE A 119 9.16 25.11 10.07
CA PHE A 119 9.13 25.00 8.61
C PHE A 119 7.74 25.24 8.09
N ALA A 120 6.77 24.54 8.68
CA ALA A 120 5.36 24.64 8.29
C ALA A 120 4.84 26.07 8.26
N ILE A 121 5.05 26.80 9.35
CA ILE A 121 4.58 28.18 9.43
C ILE A 121 5.28 29.07 8.40
N ALA A 122 6.60 28.93 8.30
CA ALA A 122 7.38 29.74 7.36
C ALA A 122 6.95 29.51 5.92
N ASN A 123 6.69 28.26 5.56
CA ASN A 123 6.27 27.93 4.19
C ASN A 123 4.77 27.88 4.06
N SER A 124 4.11 28.00 5.20
CA SER A 124 2.66 27.96 5.23
C SER A 124 2.17 26.70 4.55
N THR A 125 2.75 25.57 4.93
CA THR A 125 2.37 24.28 4.37
C THR A 125 2.14 23.27 5.49
N ALA A 126 1.34 22.24 5.22
CA ALA A 126 1.05 21.21 6.20
C ALA A 126 1.75 19.89 5.84
N SER A 127 2.50 19.91 4.74
CA SER A 127 3.22 18.71 4.31
C SER A 127 4.36 19.03 3.34
N THR A 128 5.42 18.23 3.41
CA THR A 128 6.55 18.41 2.52
C THR A 128 6.17 17.85 1.15
N LEU A 129 5.04 17.13 1.10
CA LEU A 129 4.55 16.52 -0.12
C LEU A 129 3.42 17.33 -0.74
N SER A 130 3.29 17.28 -2.05
CA SER A 130 2.24 18.03 -2.72
C SER A 130 1.11 17.13 -3.23
N SER A 131 0.07 17.78 -3.72
CA SER A 131 -1.09 17.13 -4.28
C SER A 131 -0.68 16.14 -5.38
N GLN A 132 0.20 16.59 -6.28
CA GLN A 132 0.64 15.75 -7.38
C GLN A 132 1.33 14.47 -6.88
N GLN A 133 2.25 14.63 -5.93
CA GLN A 133 2.94 13.48 -5.37
C GLN A 133 1.92 12.47 -4.81
N LEU A 134 0.94 12.94 -4.05
CA LEU A 134 -0.06 12.06 -3.47
C LEU A 134 -0.87 11.37 -4.57
N LEU A 135 -1.16 12.09 -5.65
CA LEU A 135 -1.91 11.50 -6.75
C LEU A 135 -1.03 10.47 -7.46
N HIS A 136 0.26 10.74 -7.56
CA HIS A 136 1.18 9.79 -8.19
C HIS A 136 1.22 8.48 -7.40
N PHE A 137 1.32 8.58 -6.08
CA PHE A 137 1.33 7.37 -5.26
C PHE A 137 0.07 6.54 -5.55
N ALA A 138 -1.07 7.22 -5.61
CA ALA A 138 -2.33 6.55 -5.88
C ALA A 138 -2.34 5.94 -7.28
N ALA A 139 -1.80 6.67 -8.25
CA ALA A 139 -1.74 6.17 -9.63
C ALA A 139 -0.78 4.98 -9.70
N ASP A 140 0.40 5.12 -9.11
CA ASP A 140 1.38 4.03 -9.10
C ASP A 140 0.74 2.74 -8.60
N VAL A 141 0.06 2.81 -7.46
CA VAL A 141 -0.58 1.63 -6.90
C VAL A 141 -1.67 1.06 -7.82
N ALA A 142 -2.48 1.92 -8.40
CA ALA A 142 -3.53 1.45 -9.28
C ALA A 142 -2.95 0.72 -10.49
N ARG A 143 -1.82 1.23 -11.00
CA ARG A 143 -1.15 0.64 -12.16
C ARG A 143 -0.68 -0.75 -11.77
N GLY A 144 -0.03 -0.85 -10.60
CA GLY A 144 0.46 -2.14 -10.14
C GLY A 144 -0.67 -3.13 -9.91
N MET A 145 -1.74 -2.68 -9.28
CA MET A 145 -2.89 -3.55 -9.01
C MET A 145 -3.57 -3.99 -10.30
N ASP A 146 -3.58 -3.14 -11.32
CA ASP A 146 -4.19 -3.50 -12.59
C ASP A 146 -3.37 -4.63 -13.21
N TYR A 147 -2.05 -4.50 -13.11
CA TYR A 147 -1.11 -5.48 -13.61
C TYR A 147 -1.32 -6.81 -12.89
N LEU A 148 -1.44 -6.76 -11.57
CA LEU A 148 -1.63 -7.98 -10.79
C LEU A 148 -3.01 -8.60 -11.01
N SER A 149 -4.06 -7.78 -10.96
CA SER A 149 -5.39 -8.33 -11.11
C SER A 149 -5.61 -8.95 -12.50
N GLN A 150 -4.94 -8.38 -13.51
CA GLN A 150 -5.06 -8.89 -14.88
C GLN A 150 -4.45 -10.29 -14.98
N LYS A 151 -3.66 -10.66 -13.97
CA LYS A 151 -3.02 -11.98 -13.94
C LYS A 151 -3.64 -12.84 -12.84
N GLN A 152 -4.89 -12.55 -12.49
CA GLN A 152 -5.62 -13.31 -11.47
C GLN A 152 -5.11 -13.24 -10.04
N PHE A 153 -4.23 -12.28 -9.75
CA PHE A 153 -3.70 -12.13 -8.39
C PHE A 153 -4.72 -11.40 -7.52
N ILE A 154 -4.75 -11.76 -6.24
CA ILE A 154 -5.65 -11.13 -5.28
C ILE A 154 -4.73 -10.72 -4.13
N HIS A 155 -4.58 -9.42 -3.90
CA HIS A 155 -3.70 -8.92 -2.84
C HIS A 155 -4.13 -9.33 -1.43
N ARG A 156 -5.37 -9.02 -1.07
CA ARG A 156 -5.94 -9.35 0.24
C ARG A 156 -5.53 -8.43 1.39
N ASP A 157 -4.52 -7.59 1.20
CA ASP A 157 -4.10 -6.74 2.31
C ASP A 157 -3.50 -5.40 1.88
N LEU A 158 -4.20 -4.77 0.94
CA LEU A 158 -3.82 -3.49 0.40
C LEU A 158 -4.02 -2.42 1.49
N ALA A 159 -2.98 -1.62 1.72
CA ALA A 159 -3.03 -0.58 2.73
C ALA A 159 -1.72 0.19 2.63
N ALA A 160 -1.72 1.43 3.11
CA ALA A 160 -0.51 2.24 3.07
C ALA A 160 0.72 1.52 3.64
N ARG A 161 0.54 0.79 4.74
CA ARG A 161 1.66 0.09 5.36
C ARG A 161 2.31 -0.95 4.43
N ASN A 162 1.57 -1.44 3.45
CA ASN A 162 2.11 -2.44 2.53
C ASN A 162 2.58 -1.87 1.21
N ILE A 163 2.65 -0.55 1.14
CA ILE A 163 3.14 0.09 -0.07
C ILE A 163 4.52 0.64 0.26
N LEU A 164 5.45 0.41 -0.64
CA LEU A 164 6.81 0.88 -0.44
C LEU A 164 7.10 2.07 -1.32
N VAL A 165 7.93 2.98 -0.83
CA VAL A 165 8.33 4.14 -1.63
C VAL A 165 9.76 3.84 -2.00
N GLY A 166 9.94 3.39 -3.24
CA GLY A 166 11.27 3.03 -3.70
C GLY A 166 12.01 4.12 -4.46
N GLU A 167 13.04 3.68 -5.18
CA GLU A 167 13.88 4.58 -5.96
C GLU A 167 13.05 5.58 -6.76
N ASN A 168 13.41 6.85 -6.63
CA ASN A 168 12.74 7.92 -7.35
C ASN A 168 11.32 8.16 -6.85
N TYR A 169 11.04 7.69 -5.64
CA TYR A 169 9.72 7.86 -5.03
C TYR A 169 8.61 7.17 -5.81
N VAL A 170 8.94 6.12 -6.56
CA VAL A 170 7.94 5.36 -7.30
C VAL A 170 7.31 4.37 -6.30
N ALA A 171 5.99 4.41 -6.16
CA ALA A 171 5.32 3.51 -5.23
C ALA A 171 5.41 2.06 -5.71
N LYS A 172 5.63 1.14 -4.78
CA LYS A 172 5.73 -0.27 -5.13
C LYS A 172 4.90 -1.12 -4.18
N ILE A 173 4.08 -2.00 -4.76
CA ILE A 173 3.22 -2.86 -3.97
C ILE A 173 3.98 -4.04 -3.38
N ALA A 174 3.71 -4.32 -2.11
CA ALA A 174 4.35 -5.45 -1.43
C ALA A 174 3.35 -6.32 -0.69
N ASP A 175 3.85 -7.44 -0.17
CA ASP A 175 3.05 -8.37 0.62
C ASP A 175 1.72 -8.78 -0.02
N PHE A 176 1.71 -8.97 -1.33
CA PHE A 176 0.48 -9.39 -2.01
C PHE A 176 0.32 -10.91 -1.92
N GLY A 177 -0.92 -11.37 -1.76
CA GLY A 177 -1.17 -12.80 -1.67
C GLY A 177 -0.76 -13.54 -2.94
N LEU A 178 -0.28 -14.77 -2.78
CA LEU A 178 0.18 -15.55 -3.92
C LEU A 178 -0.80 -16.60 -4.40
N SER A 179 -1.97 -16.67 -3.78
CA SER A 179 -2.98 -17.62 -4.18
C SER A 179 -3.82 -16.97 -5.28
N ARG A 180 -3.62 -17.41 -6.52
CA ARG A 180 -4.33 -16.86 -7.67
C ARG A 180 -5.69 -17.53 -7.94
N GLY A 181 -6.59 -16.76 -8.52
CA GLY A 181 -7.93 -17.25 -8.83
C GLY A 181 -8.94 -16.11 -8.88
N GLN A 182 -10.22 -16.45 -9.08
CA GLN A 182 -11.30 -15.46 -9.16
C GLN A 182 -11.74 -15.01 -7.77
N GLU A 183 -11.48 -15.86 -6.78
CA GLU A 183 -11.81 -15.54 -5.40
C GLU A 183 -11.01 -16.49 -4.53
N VAL A 184 -10.64 -16.07 -3.34
CA VAL A 184 -9.86 -16.92 -2.47
C VAL A 184 -10.37 -16.87 -1.04
N TYR A 185 -10.43 -18.04 -0.42
CA TYR A 185 -10.88 -18.14 0.95
C TYR A 185 -9.64 -18.13 1.81
N VAL A 186 -9.65 -17.32 2.86
CA VAL A 186 -8.52 -17.24 3.77
C VAL A 186 -9.08 -17.16 5.19
N LYS A 187 -9.19 -18.33 5.83
CA LYS A 187 -9.73 -18.44 7.18
C LYS A 187 -9.15 -17.40 8.14
N LYS A 188 -7.84 -17.17 8.05
CA LYS A 188 -7.15 -16.20 8.89
C LYS A 188 -7.10 -16.64 10.35
N PRO A 194 -6.98 -6.38 10.28
CA PRO A 194 -6.97 -5.48 9.11
C PRO A 194 -8.40 -5.10 8.74
N VAL A 195 -9.28 -5.22 9.72
CA VAL A 195 -10.71 -4.93 9.61
C VAL A 195 -11.09 -3.60 8.97
N ARG A 196 -10.34 -2.56 9.28
CA ARG A 196 -10.62 -1.23 8.77
C ARG A 196 -10.41 -1.07 7.26
N TRP A 197 -9.66 -1.99 6.65
CA TRP A 197 -9.41 -1.95 5.21
C TRP A 197 -10.25 -2.97 4.46
N MET A 198 -10.91 -3.87 5.18
CA MET A 198 -11.67 -4.94 4.53
C MET A 198 -13.06 -4.64 3.98
N ALA A 199 -13.35 -5.24 2.82
CA ALA A 199 -14.64 -5.06 2.17
C ALA A 199 -15.66 -5.76 3.07
N ILE A 200 -16.91 -5.31 3.01
CA ILE A 200 -17.96 -5.91 3.83
C ILE A 200 -18.08 -7.41 3.58
N GLU A 201 -18.03 -7.82 2.31
CA GLU A 201 -18.15 -9.24 1.96
C GLU A 201 -16.99 -10.08 2.51
N SER A 202 -15.87 -9.43 2.84
CA SER A 202 -14.73 -10.14 3.38
C SER A 202 -14.88 -10.26 4.89
N LEU A 203 -15.50 -9.25 5.49
CA LEU A 203 -15.71 -9.25 6.93
C LEU A 203 -16.69 -10.37 7.27
N ASN A 204 -17.65 -10.60 6.38
CA ASN A 204 -18.67 -11.63 6.57
C ASN A 204 -18.28 -13.03 6.11
N TYR A 205 -17.52 -13.12 5.01
CA TYR A 205 -17.20 -14.43 4.44
C TYR A 205 -15.74 -14.88 4.44
N SER A 206 -14.81 -13.96 4.66
CA SER A 206 -13.39 -14.32 4.63
C SER A 206 -12.99 -14.76 3.22
N VAL A 207 -13.60 -14.16 2.20
CA VAL A 207 -13.23 -14.48 0.83
C VAL A 207 -12.79 -13.15 0.24
N TYR A 208 -11.77 -13.21 -0.62
CA TYR A 208 -11.23 -12.02 -1.24
C TYR A 208 -11.26 -12.13 -2.77
N THR A 209 -11.47 -10.99 -3.41
CA THR A 209 -11.50 -10.91 -4.88
C THR A 209 -10.87 -9.56 -5.25
N THR A 210 -10.67 -9.32 -6.53
CA THR A 210 -10.08 -8.05 -6.93
C THR A 210 -11.08 -6.95 -6.55
N ASN A 211 -12.37 -7.31 -6.51
CA ASN A 211 -13.40 -6.35 -6.13
C ASN A 211 -13.17 -5.90 -4.68
N SER A 212 -12.82 -6.83 -3.79
CA SER A 212 -12.57 -6.44 -2.42
C SER A 212 -11.20 -5.74 -2.34
N ASP A 213 -10.31 -6.01 -3.29
CA ASP A 213 -9.01 -5.32 -3.33
C ASP A 213 -9.28 -3.85 -3.64
N VAL A 214 -10.28 -3.59 -4.49
CA VAL A 214 -10.64 -2.24 -4.87
C VAL A 214 -11.20 -1.48 -3.67
N TRP A 215 -11.98 -2.17 -2.84
CA TRP A 215 -12.51 -1.53 -1.65
C TRP A 215 -11.31 -1.06 -0.81
N SER A 216 -10.37 -1.97 -0.56
CA SER A 216 -9.18 -1.66 0.24
C SER A 216 -8.35 -0.55 -0.39
N TYR A 217 -8.28 -0.53 -1.72
CA TYR A 217 -7.54 0.52 -2.41
C TYR A 217 -8.18 1.87 -2.07
N GLY A 218 -9.51 1.87 -1.98
CA GLY A 218 -10.20 3.09 -1.66
C GLY A 218 -9.78 3.60 -0.30
N VAL A 219 -9.60 2.68 0.65
CA VAL A 219 -9.19 3.10 1.99
C VAL A 219 -7.74 3.55 1.93
N LEU A 220 -6.96 2.92 1.05
CA LEU A 220 -5.57 3.30 0.86
C LEU A 220 -5.54 4.74 0.34
N LEU A 221 -6.41 5.03 -0.61
CA LEU A 221 -6.50 6.36 -1.18
C LEU A 221 -6.85 7.37 -0.09
N TRP A 222 -7.75 6.99 0.81
CA TRP A 222 -8.16 7.85 1.91
C TRP A 222 -6.95 8.08 2.83
N GLU A 223 -6.12 7.04 3.03
CA GLU A 223 -4.93 7.19 3.88
C GLU A 223 -3.97 8.20 3.25
N ILE A 224 -3.80 8.09 1.94
CA ILE A 224 -2.92 8.98 1.20
C ILE A 224 -3.36 10.43 1.34
N VAL A 225 -4.62 10.68 1.04
CA VAL A 225 -5.16 12.02 1.10
C VAL A 225 -5.12 12.62 2.50
N SER A 226 -5.30 11.79 3.52
CA SER A 226 -5.29 12.27 4.91
C SER A 226 -3.88 12.27 5.52
N LEU A 227 -2.87 12.03 4.70
CA LEU A 227 -1.47 11.98 5.16
C LEU A 227 -1.24 10.95 6.25
N GLY A 228 -1.85 9.78 6.07
CA GLY A 228 -1.67 8.68 7.00
C GLY A 228 -2.57 8.61 8.20
N GLY A 229 -3.78 9.16 8.12
CA GLY A 229 -4.68 9.09 9.26
C GLY A 229 -5.19 7.67 9.42
N THR A 230 -5.53 7.28 10.65
CA THR A 230 -6.08 5.95 10.89
C THR A 230 -7.51 6.03 10.36
N PRO A 231 -7.90 5.10 9.47
CA PRO A 231 -9.28 5.18 8.97
C PRO A 231 -10.29 4.82 10.07
N TYR A 232 -11.39 5.57 10.12
CA TYR A 232 -12.43 5.39 11.14
C TYR A 232 -11.86 5.69 12.53
N CYS A 233 -10.97 6.69 12.62
CA CYS A 233 -10.37 7.04 13.91
C CYS A 233 -11.48 7.35 14.93
N GLY A 234 -11.41 6.74 16.11
CA GLY A 234 -12.41 6.99 17.12
C GLY A 234 -13.46 5.89 17.19
N MET A 235 -13.46 5.01 16.19
CA MET A 235 -14.42 3.90 16.14
C MET A 235 -13.75 2.56 16.41
N THR A 236 -14.51 1.65 17.03
CA THR A 236 -14.01 0.31 17.34
C THR A 236 -14.35 -0.59 16.16
N CYS A 237 -13.61 -1.69 16.03
CA CYS A 237 -13.88 -2.63 14.94
C CYS A 237 -15.34 -3.06 15.01
N ALA A 238 -15.79 -3.35 16.23
CA ALA A 238 -17.17 -3.79 16.48
C ALA A 238 -18.20 -2.87 15.83
N GLU A 239 -18.02 -1.56 16.03
CA GLU A 239 -18.94 -0.58 15.46
C GLU A 239 -18.98 -0.67 13.95
N LEU A 240 -17.83 -0.91 13.33
CA LEU A 240 -17.75 -1.02 11.88
C LEU A 240 -18.58 -2.18 11.36
N TYR A 241 -18.43 -3.35 11.99
CA TYR A 241 -19.16 -4.54 11.58
C TYR A 241 -20.64 -4.29 11.34
N GLU A 242 -21.27 -3.51 12.22
CA GLU A 242 -22.70 -3.23 12.07
C GLU A 242 -22.97 -1.93 11.34
N LYS A 243 -22.07 -0.96 11.49
CA LYS A 243 -22.22 0.34 10.86
C LYS A 243 -21.99 0.37 9.35
N LEU A 244 -21.02 -0.40 8.87
CA LEU A 244 -20.73 -0.42 7.44
C LEU A 244 -21.90 -0.94 6.60
N PRO A 245 -22.54 -2.03 7.02
CA PRO A 245 -23.67 -2.56 6.24
C PRO A 245 -24.87 -1.59 6.15
N GLN A 246 -24.97 -0.69 7.12
CA GLN A 246 -26.06 0.29 7.14
C GLN A 246 -25.86 1.35 6.05
N GLY A 247 -24.69 1.33 5.43
CA GLY A 247 -24.40 2.30 4.37
C GLY A 247 -23.38 3.34 4.78
N TYR A 248 -22.90 3.24 6.02
CA TYR A 248 -21.92 4.19 6.54
C TYR A 248 -20.57 4.06 5.85
N ARG A 249 -19.91 5.20 5.62
CA ARG A 249 -18.61 5.21 4.95
C ARG A 249 -17.74 6.36 5.44
N LEU A 250 -16.44 6.25 5.21
CA LEU A 250 -15.51 7.30 5.60
C LEU A 250 -15.94 8.65 5.01
N GLU A 251 -15.89 9.68 5.85
CA GLU A 251 -16.28 11.01 5.42
C GLU A 251 -15.14 11.68 4.66
N LYS A 252 -15.49 12.61 3.78
CA LYS A 252 -14.51 13.31 2.98
C LYS A 252 -13.63 14.26 3.80
N PRO A 253 -12.30 14.07 3.76
CA PRO A 253 -11.44 14.97 4.52
C PRO A 253 -11.66 16.38 3.96
N LEU A 254 -11.72 17.38 4.84
CA LEU A 254 -11.95 18.75 4.40
C LEU A 254 -10.97 19.26 3.34
N ASN A 255 -9.76 18.69 3.34
CA ASN A 255 -8.73 19.09 2.38
C ASN A 255 -8.77 18.30 1.07
N CYS A 256 -9.81 17.49 0.89
CA CYS A 256 -9.93 16.65 -0.31
C CYS A 256 -10.98 17.12 -1.33
N ASP A 257 -10.60 17.13 -2.61
CA ASP A 257 -11.52 17.52 -3.68
C ASP A 257 -12.60 16.46 -3.83
N ASP A 258 -13.78 16.88 -4.28
CA ASP A 258 -14.90 15.96 -4.46
C ASP A 258 -14.65 14.83 -5.47
N GLU A 259 -13.91 15.12 -6.53
CA GLU A 259 -13.63 14.09 -7.53
C GLU A 259 -12.90 12.91 -6.89
N VAL A 260 -11.94 13.23 -6.03
CA VAL A 260 -11.15 12.20 -5.36
C VAL A 260 -12.02 11.44 -4.37
N TYR A 261 -12.86 12.15 -3.64
CA TYR A 261 -13.73 11.50 -2.68
C TYR A 261 -14.75 10.59 -3.38
N ASP A 262 -15.27 11.03 -4.52
CA ASP A 262 -16.24 10.21 -5.25
C ASP A 262 -15.54 8.92 -5.67
N LEU A 263 -14.29 9.06 -6.13
CA LEU A 263 -13.52 7.91 -6.53
C LEU A 263 -13.50 6.88 -5.38
N MET A 264 -13.25 7.36 -4.16
CA MET A 264 -13.24 6.46 -3.00
C MET A 264 -14.61 5.82 -2.81
N ARG A 265 -15.66 6.63 -2.93
CA ARG A 265 -17.03 6.14 -2.76
C ARG A 265 -17.35 5.03 -3.77
N GLN A 266 -16.82 5.15 -4.98
CA GLN A 266 -17.05 4.12 -5.98
C GLN A 266 -16.41 2.82 -5.50
N CYS A 267 -15.20 2.93 -4.94
CA CYS A 267 -14.50 1.76 -4.44
C CYS A 267 -15.24 1.05 -3.31
N TRP A 268 -16.13 1.78 -2.63
CA TRP A 268 -16.86 1.21 -1.50
C TRP A 268 -18.34 0.88 -1.69
N ARG A 269 -18.77 0.67 -2.93
CA ARG A 269 -20.17 0.32 -3.15
C ARG A 269 -20.41 -1.07 -2.58
N GLU A 270 -21.56 -1.24 -1.91
CA GLU A 270 -21.93 -2.51 -1.28
C GLU A 270 -21.88 -3.67 -2.27
N LYS A 271 -22.38 -3.45 -3.47
CA LYS A 271 -22.36 -4.49 -4.49
C LYS A 271 -20.94 -4.47 -5.06
N PRO A 272 -20.19 -5.57 -4.89
CA PRO A 272 -18.82 -5.68 -5.38
C PRO A 272 -18.66 -5.43 -6.88
N TYR A 273 -19.58 -5.99 -7.66
CA TYR A 273 -19.51 -5.86 -9.11
C TYR A 273 -19.77 -4.45 -9.62
N GLU A 274 -20.13 -3.53 -8.72
CA GLU A 274 -20.38 -2.15 -9.12
C GLU A 274 -19.15 -1.26 -8.93
N ARG A 275 -18.14 -1.77 -8.22
CA ARG A 275 -16.92 -1.02 -7.98
C ARG A 275 -16.10 -1.01 -9.28
N PRO A 276 -15.34 0.07 -9.51
CA PRO A 276 -14.54 0.16 -10.74
C PRO A 276 -13.43 -0.88 -10.77
N SER A 277 -12.76 -0.98 -11.91
CA SER A 277 -11.63 -1.89 -12.06
C SER A 277 -10.42 -0.99 -11.80
N PHE A 278 -9.26 -1.59 -11.61
CA PHE A 278 -8.08 -0.78 -11.35
C PHE A 278 -7.72 0.04 -12.58
N ALA A 279 -8.02 -0.48 -13.76
CA ALA A 279 -7.75 0.22 -15.00
C ALA A 279 -8.57 1.52 -15.07
N GLN A 280 -9.83 1.45 -14.67
CA GLN A 280 -10.70 2.63 -14.67
C GLN A 280 -10.22 3.64 -13.62
N ILE A 281 -9.82 3.12 -12.47
CA ILE A 281 -9.31 3.97 -11.40
C ILE A 281 -8.09 4.75 -11.89
N LEU A 282 -7.17 4.04 -12.54
CA LEU A 282 -5.96 4.67 -13.07
C LEU A 282 -6.29 5.78 -14.08
N VAL A 283 -7.28 5.52 -14.94
CA VAL A 283 -7.68 6.52 -15.93
C VAL A 283 -8.18 7.80 -15.27
N SER A 284 -8.98 7.65 -14.21
CA SER A 284 -9.52 8.80 -13.48
C SER A 284 -8.40 9.58 -12.80
N LEU A 285 -7.39 8.85 -12.32
CA LEU A 285 -6.26 9.46 -11.64
C LEU A 285 -5.35 10.17 -12.62
N ASN A 286 -5.13 9.55 -13.78
CA ASN A 286 -4.29 10.17 -14.79
C ASN A 286 -4.92 11.46 -15.28
N ARG A 287 -6.26 11.48 -15.31
CA ARG A 287 -7.00 12.67 -15.72
C ARG A 287 -6.68 13.80 -14.74
N MET A 288 -6.84 13.51 -13.45
CA MET A 288 -6.55 14.49 -12.41
C MET A 288 -5.09 14.95 -12.46
N LEU A 289 -4.18 13.99 -12.66
CA LEU A 289 -2.76 14.31 -12.72
C LEU A 289 -2.46 15.30 -13.85
N GLU A 290 -3.19 15.17 -14.95
CA GLU A 290 -2.99 16.05 -16.10
C GLU A 290 -3.49 17.48 -15.95
N GLU A 291 -4.53 17.67 -15.12
CA GLU A 291 -5.08 19.00 -14.90
C GLU A 291 -4.14 19.87 -14.06
N ARG A 292 -4.12 21.17 -14.34
CA ARG A 292 -3.28 22.09 -13.55
C ARG A 292 -3.88 22.20 -12.15
N LYS A 293 -5.15 21.83 -12.06
CA LYS A 293 -5.93 21.85 -10.82
C LYS A 293 -5.27 21.05 -9.69
N THR A 294 -5.40 21.57 -8.47
CA THR A 294 -4.87 20.92 -7.28
C THR A 294 -6.00 20.11 -6.66
N TYR A 295 -5.76 18.83 -6.38
CA TYR A 295 -6.82 17.99 -5.82
C TYR A 295 -6.75 17.73 -4.33
N VAL A 296 -5.55 17.81 -3.76
CA VAL A 296 -5.39 17.58 -2.33
C VAL A 296 -4.67 18.78 -1.73
N ASN A 297 -5.43 19.61 -1.01
CA ASN A 297 -4.89 20.80 -0.40
C ASN A 297 -3.93 20.51 0.75
N THR A 298 -2.72 21.05 0.66
CA THR A 298 -1.71 20.84 1.69
C THR A 298 -1.24 22.15 2.29
N THR A 299 -1.88 23.26 1.91
CA THR A 299 -1.51 24.56 2.44
C THR A 299 -2.14 24.77 3.81
N LEU A 300 -1.50 25.63 4.61
CA LEU A 300 -2.00 25.92 5.94
C LEU A 300 -3.10 26.97 5.93
N TYR A 301 -4.27 26.59 6.43
CA TYR A 301 -5.40 27.49 6.52
C TYR A 301 -5.80 27.66 7.98
N GLU A 302 -5.95 28.91 8.38
CA GLU A 302 -6.30 29.28 9.74
C GLU A 302 -6.43 28.18 10.80
N LYS A 303 -7.46 27.34 10.74
CA LYS A 303 -7.61 26.34 11.80
C LYS A 303 -7.29 24.90 11.42
N PHE A 304 -6.13 24.70 10.78
CA PHE A 304 -5.71 23.38 10.34
C PHE A 304 -5.31 22.35 11.40
N THR A 305 -5.73 21.10 11.18
CA THR A 305 -5.40 19.97 12.03
C THR A 305 -5.34 18.74 11.12
N TYR A 306 -4.51 17.77 11.49
CA TYR A 306 -4.38 16.56 10.71
C TYR A 306 -5.44 15.55 11.13
N ALA A 307 -5.70 14.57 10.27
CA ALA A 307 -6.64 13.50 10.58
C ALA A 307 -5.90 12.71 11.64
N GLY A 308 -6.60 12.30 12.70
CA GLY A 308 -5.98 11.56 13.78
C GLY A 308 -5.41 10.17 13.52
N ILE A 309 -4.47 9.80 14.39
CA ILE A 309 -3.84 8.50 14.34
C ILE A 309 -4.19 7.82 15.67
N ASP A 310 -4.97 6.74 15.60
CA ASP A 310 -5.36 6.04 16.81
C ASP A 310 -4.40 4.91 17.14
N CYS A 311 -3.49 5.18 18.07
CA CYS A 311 -2.50 4.20 18.50
C CYS A 311 -3.18 3.08 19.28
N SER A 312 -4.44 3.31 19.66
CA SER A 312 -5.23 2.33 20.41
C SER A 312 -5.72 1.22 19.48
N ALA A 313 -5.76 1.50 18.19
CA ALA A 313 -6.20 0.52 17.20
C ALA A 313 -5.00 -0.11 16.49
N GLU A 314 -3.86 0.57 16.59
CA GLU A 314 -2.63 0.09 15.95
C GLU A 314 -1.68 -0.46 17.01
C1 0CE B . 9.28 -5.12 2.37
N1 0CE B . 11.89 -0.19 5.57
O1 0CE B . 12.95 -2.28 1.06
C2 0CE B . 8.86 -4.54 3.61
N2 0CE B . 12.52 0.18 4.44
O2 0CE B . 6.21 -8.70 -1.00
C3 0CE B . 9.58 -3.38 4.12
N3 0CE B . 12.01 -4.09 0.08
C4 0CE B . 10.70 -2.82 3.36
N4 0CE B . 7.76 -5.27 4.13
C5 0CE B . 11.41 -1.58 3.96
C6 0CE B . 11.21 -1.22 5.36
C7 0CE B . 12.25 -0.65 3.48
C8 0CE B . 13.40 1.33 4.34
C9 0CE B . 10.33 -2.00 6.30
C10 0CE B . 9.19 -2.68 5.48
C11 0CE B . 11.06 -3.44 2.12
C12 0CE B . 10.38 -4.58 1.62
C13 0CE B . 10.95 -5.06 0.29
C14 0CE B . 12.12 -3.19 1.06
C15 0CE B . 6.47 -4.76 4.72
C16 0CE B . 6.39 -4.81 6.28
C17 0CE B . 6.02 -3.36 4.21
C18 0CE B . 7.54 -6.26 3.20
C19 0CE B . 8.44 -6.20 2.11
C20 0CE B . 8.36 -7.15 1.04
C21 0CE B . 7.34 -8.17 1.08
C22 0CE B . 7.15 -9.22 -0.01
C23 0CE B . 8.41 -9.74 -0.76
C24 0CE B . 8.00 -10.83 -1.79
C25 0CE B . 6.97 -10.23 -2.80
C26 0CE B . 5.76 -9.67 -2.00
C27 0CE B . 6.45 -8.21 2.18
C28 0CE B . 6.52 -7.28 3.24
#